data_4AA2
#
_entry.id   4AA2
#
_cell.length_a   173.214
_cell.length_b   173.214
_cell.length_c   102.898
_cell.angle_alpha   90.00
_cell.angle_beta   90.00
_cell.angle_gamma   120.00
#
_symmetry.space_group_name_H-M   'H 3'
#
loop_
_entity.id
_entity.type
_entity.pdbx_description
1 polymer 'ANGIOTENSIN-CONVERTING ENZYME'
2 polymer 'BRADYKININ-POTENTIATING PEPTIDE B'
3 branched beta-D-mannopyranose-(1-6)-alpha-D-mannopyranose-(1-3)-[alpha-D-mannopyranose-(1-6)]beta-D-mannopyranose-(1-4)-2-acetamido-2-deoxy-beta-D-glucopyranose-(1-4)-2-acetamido-2-deoxy-beta-D-glucopyranose
4 non-polymer 'ZINC ION'
5 non-polymer 2-acetamido-2-deoxy-beta-D-glucopyranose
6 water water
#
loop_
_entity_poly.entity_id
_entity_poly.type
_entity_poly.pdbx_seq_one_letter_code
_entity_poly.pdbx_strand_id
1 'polypeptide(L)'
;ALVKEEIQAKEYLENLNKELAKRTNVETEAAWAYGSNITDENEKKKNEISAELAKFMKEVASDTTKFQWRSYQSEDLKRQ
FKALTKLGYAALPEDDYAELLDTLSAMESNFAKVKVCDYKDSTKCDLALDPEIEEVISKSRDHEELAYYWREFYDKAGTA
VRSQFERYVELNTKAAKLNNFTSGAEAWLDEYEDDTFEQQLEDIFADIRPLYQQIHGYVRFRLRKHYGDAVVSETGPIPM
HLLGNMWAQQWSEIADIVSPFPEKPLVDVSAEMEKQGYTPLKMFQMGDDFFTSMNLTKLPQDFWDKSIIEKPTDGRDLVC
HASAWDFYLTDDVRIKQCTRVTQDQLFTVHHELGHIQYFLQYQHQPFVYRTGANPGFHEAVGDVLSLSVSTPKHLEKIGL
LKDYVRDDEARINQLFLTALDKIVFLPFAFTMDKYRWSLFRGEVDKANWNCAFWKLRDEYSGIEPPVVRSEKDFDAPAKY
HISADVEYLRYLVSFIIQFQFYKSACIKAGQYDPDNVELPLDNCDIYGSAAAGAAFHNMLSMGASKPWPDALEAFNGERI
MSGKAIAEYFEPLRVWLEAENIKNNVHIGWTTSNKCVS
;
A
2 'polypeptide(L)' EGLPPRPKIPP P
#
# COMPACT_ATOMS: atom_id res chain seq x y z
N ALA A 1 14.41 -6.81 45.11
CA ALA A 1 15.37 -5.93 44.39
C ALA A 1 15.26 -6.08 42.87
N LEU A 2 15.65 -5.02 42.16
CA LEU A 2 15.46 -4.91 40.71
C LEU A 2 16.29 -5.89 39.88
N VAL A 3 17.50 -6.21 40.35
CA VAL A 3 18.39 -7.13 39.64
C VAL A 3 17.75 -8.50 39.47
N LYS A 4 17.20 -9.04 40.55
CA LYS A 4 16.52 -10.33 40.54
C LYS A 4 15.25 -10.30 39.70
N GLU A 5 14.53 -9.17 39.75
CA GLU A 5 13.30 -9.01 38.98
C GLU A 5 13.54 -9.00 37.48
N GLU A 6 14.62 -8.34 37.05
CA GLU A 6 14.93 -8.24 35.63
C GLU A 6 15.28 -9.61 35.01
N ILE A 7 15.92 -10.47 35.80
CA ILE A 7 16.22 -11.85 35.39
C ILE A 7 14.91 -12.63 35.21
N GLN A 8 14.00 -12.44 36.16
CA GLN A 8 12.67 -13.05 36.12
C GLN A 8 11.84 -12.53 34.95
N ALA A 9 11.98 -11.23 34.65
CA ALA A 9 11.25 -10.56 33.57
C ALA A 9 11.65 -11.10 32.20
N LYS A 10 12.94 -11.32 32.00
CA LYS A 10 13.48 -11.90 30.76
C LYS A 10 12.85 -13.27 30.47
N GLU A 11 12.69 -14.05 31.54
CA GLU A 11 12.07 -15.37 31.49
C GLU A 11 10.58 -15.26 31.20
N TYR A 12 9.92 -14.28 31.83
CA TYR A 12 8.51 -14.00 31.60
C TYR A 12 8.23 -13.64 30.14
N LEU A 13 9.06 -12.75 29.59
CA LEU A 13 8.91 -12.32 28.20
C LEU A 13 9.06 -13.46 27.21
N GLU A 14 10.08 -14.29 27.43
CA GLU A 14 10.39 -15.43 26.58
C GLU A 14 9.19 -16.38 26.48
N ASN A 15 8.57 -16.65 27.63
CA ASN A 15 7.39 -17.52 27.68
CA ASN A 15 7.39 -17.52 27.68
C ASN A 15 6.15 -16.87 27.09
N LEU A 16 5.94 -15.59 27.39
CA LEU A 16 4.77 -14.85 26.92
C LEU A 16 4.76 -14.65 25.40
N ASN A 17 5.92 -14.29 24.86
CA ASN A 17 6.08 -14.13 23.42
C ASN A 17 5.65 -15.39 22.67
N LYS A 18 6.15 -16.54 23.10
CA LYS A 18 5.82 -17.82 22.46
C LYS A 18 4.32 -18.11 22.56
N GLU A 19 3.72 -17.81 23.71
CA GLU A 19 2.29 -17.98 23.92
C GLU A 19 1.47 -17.05 23.02
N LEU A 20 1.92 -15.81 22.86
CA LEU A 20 1.24 -14.84 22.00
C LEU A 20 1.27 -15.25 20.53
N ALA A 21 2.41 -15.77 20.09
CA ALA A 21 2.54 -16.28 18.73
C ALA A 21 1.52 -17.39 18.45
N LYS A 22 1.44 -18.35 19.36
CA LYS A 22 0.53 -19.49 19.23
C LYS A 22 -0.94 -19.07 19.21
N ARG A 23 -1.28 -18.12 20.08
CA ARG A 23 -2.63 -17.58 20.14
C ARG A 23 -2.98 -16.75 18.90
N THR A 24 -2.01 -15.97 18.41
CA THR A 24 -2.23 -15.15 17.22
C THR A 24 -2.41 -16.01 15.96
N ASN A 25 -1.65 -17.11 15.88
CA ASN A 25 -1.81 -18.12 14.84
C ASN A 25 -3.27 -18.59 14.70
N VAL A 26 -3.92 -18.84 15.84
CA VAL A 26 -5.30 -19.29 15.87
C VAL A 26 -6.25 -18.20 15.36
N GLU A 27 -6.02 -16.96 15.78
CA GLU A 27 -6.79 -15.82 15.28
C GLU A 27 -6.56 -15.61 13.78
N THR A 28 -5.31 -15.73 13.36
CA THR A 28 -4.92 -15.52 11.97
C THR A 28 -5.56 -16.55 11.03
N GLU A 29 -5.61 -17.81 11.48
CA GLU A 29 -6.26 -18.89 10.71
C GLU A 29 -7.73 -18.60 10.46
N ALA A 30 -8.44 -18.13 11.48
CA ALA A 30 -9.85 -17.79 11.36
C ALA A 30 -10.07 -16.59 10.43
N ALA A 31 -9.14 -15.63 10.47
CA ALA A 31 -9.19 -14.45 9.60
C ALA A 31 -8.95 -14.85 8.15
N TRP A 32 -7.96 -15.71 7.93
CA TRP A 32 -7.62 -16.25 6.63
C TRP A 32 -8.83 -16.96 6.01
N ALA A 33 -9.49 -17.81 6.81
CA ALA A 33 -10.66 -18.57 6.38
C ALA A 33 -11.78 -17.65 5.91
N TYR A 34 -11.96 -16.54 6.64
CA TYR A 34 -13.02 -15.59 6.32
C TYR A 34 -12.75 -14.83 5.02
N GLY A 35 -11.52 -14.33 4.90
CA GLY A 35 -11.08 -13.59 3.71
C GLY A 35 -11.05 -14.45 2.46
N SER A 36 -10.81 -15.75 2.64
CA SER A 36 -10.80 -16.72 1.54
C SER A 36 -12.18 -17.19 1.16
N ASN A 37 -13.16 -16.98 2.04
CA ASN A 37 -14.50 -17.57 1.91
C ASN A 37 -15.49 -16.83 2.83
N ILE A 38 -16.07 -15.75 2.33
CA ILE A 38 -16.92 -14.89 3.13
C ILE A 38 -18.31 -15.49 3.34
N THR A 39 -18.59 -15.85 4.60
CA THR A 39 -19.90 -16.35 5.01
C THR A 39 -20.21 -15.82 6.41
N ASP A 40 -21.49 -15.84 6.79
CA ASP A 40 -21.91 -15.45 8.14
C ASP A 40 -21.24 -16.31 9.21
N GLU A 41 -21.09 -17.61 8.92
CA GLU A 41 -20.45 -18.55 9.83
C GLU A 41 -18.98 -18.23 10.08
N ASN A 42 -18.25 -17.96 9.00
CA ASN A 42 -16.83 -17.66 9.10
C ASN A 42 -16.56 -16.29 9.72
N GLU A 43 -17.47 -15.34 9.49
CA GLU A 43 -17.41 -14.03 10.12
C GLU A 43 -17.50 -14.17 11.64
N LYS A 44 -18.54 -14.87 12.09
CA LYS A 44 -18.78 -15.15 13.50
C LYS A 44 -17.55 -15.82 14.14
N LYS A 45 -16.99 -16.82 13.46
CA LYS A 45 -15.80 -17.52 13.95
C LYS A 45 -14.59 -16.58 14.06
N LYS A 46 -14.38 -15.76 13.03
CA LYS A 46 -13.28 -14.80 13.01
C LYS A 46 -13.34 -13.85 14.20
N ASN A 47 -14.53 -13.25 14.40
CA ASN A 47 -14.73 -12.23 15.41
C ASN A 47 -14.72 -12.76 16.85
N GLU A 48 -15.20 -13.99 17.04
CA GLU A 48 -15.22 -14.60 18.37
C GLU A 48 -13.82 -14.97 18.87
N ILE A 49 -12.98 -15.47 17.97
CA ILE A 49 -11.59 -15.77 18.30
C ILE A 49 -10.84 -14.50 18.70
N SER A 50 -11.08 -13.42 17.94
CA SER A 50 -10.45 -12.13 18.18
C SER A 50 -10.87 -11.54 19.52
N ALA A 51 -12.14 -11.66 19.85
CA ALA A 51 -12.68 -11.25 21.16
C ALA A 51 -11.95 -12.00 22.30
N GLU A 52 -11.68 -13.28 22.06
CA GLU A 52 -10.96 -14.12 23.01
C GLU A 52 -9.52 -13.64 23.18
N LEU A 53 -8.84 -13.35 22.08
CA LEU A 53 -7.47 -12.88 22.14
C LEU A 53 -7.39 -11.47 22.75
N ALA A 54 -8.37 -10.64 22.43
CA ALA A 54 -8.45 -9.29 23.00
C ALA A 54 -8.51 -9.34 24.53
N LYS A 55 -9.31 -10.27 25.05
CA LYS A 55 -9.45 -10.48 26.48
C LYS A 55 -8.13 -10.91 27.11
N PHE A 56 -7.39 -11.77 26.42
CA PHE A 56 -6.09 -12.22 26.89
C PHE A 56 -5.06 -11.08 26.91
N MET A 57 -5.09 -10.24 25.89
CA MET A 57 -4.20 -9.06 25.79
C MET A 57 -4.44 -8.07 26.93
N LYS A 58 -5.72 -7.89 27.30
CA LYS A 58 -6.10 -7.05 28.43
C LYS A 58 -5.40 -7.46 29.71
N GLU A 59 -5.34 -8.78 29.96
CA GLU A 59 -4.65 -9.31 31.12
C GLU A 59 -3.13 -9.17 31.00
N VAL A 60 -2.62 -9.31 29.77
CA VAL A 60 -1.20 -9.10 29.50
C VAL A 60 -0.81 -7.65 29.85
N ALA A 61 -1.53 -6.68 29.29
CA ALA A 61 -1.29 -5.26 29.55
C ALA A 61 -1.34 -4.96 31.03
N SER A 62 -2.31 -5.56 31.72
CA SER A 62 -2.43 -5.46 33.18
C SER A 62 -1.20 -6.03 33.90
N ASP A 63 -0.74 -7.20 33.46
CA ASP A 63 0.40 -7.87 34.09
C ASP A 63 1.72 -7.13 33.95
N THR A 64 1.84 -6.31 32.91
CA THR A 64 3.05 -5.50 32.72
C THR A 64 3.27 -4.51 33.86
N THR A 65 2.18 -4.06 34.47
CA THR A 65 2.24 -3.07 35.56
C THR A 65 2.80 -3.68 36.85
N LYS A 66 2.85 -5.01 36.92
CA LYS A 66 3.45 -5.70 38.06
C LYS A 66 4.98 -5.75 37.96
N PHE A 67 5.51 -5.50 36.75
CA PHE A 67 6.94 -5.41 36.54
C PHE A 67 7.40 -3.96 36.51
N GLN A 68 8.51 -3.68 37.20
CA GLN A 68 9.13 -2.36 37.20
C GLN A 68 9.92 -2.13 35.91
N TRP A 69 9.29 -2.36 34.77
CA TRP A 69 10.04 -2.45 33.52
C TRP A 69 10.77 -1.17 33.09
N ARG A 70 10.19 -0.01 33.37
CA ARG A 70 10.85 1.28 33.09
C ARG A 70 12.14 1.47 33.90
N SER A 71 12.33 0.65 34.93
CA SER A 71 13.52 0.73 35.78
C SER A 71 14.67 -0.18 35.31
N TYR A 72 14.41 -0.99 34.28
CA TYR A 72 15.39 -2.00 33.86
C TYR A 72 16.63 -1.43 33.15
N GLN A 73 17.73 -2.18 33.21
CA GLN A 73 18.97 -1.84 32.52
C GLN A 73 18.88 -2.14 31.02
N SER A 74 18.22 -3.25 30.70
CA SER A 74 18.19 -3.74 29.33
C SER A 74 17.20 -2.96 28.47
N GLU A 75 17.73 -2.21 27.52
CA GLU A 75 16.92 -1.51 26.51
C GLU A 75 16.01 -2.48 25.77
N ASP A 76 16.52 -3.68 25.52
CA ASP A 76 15.79 -4.72 24.80
C ASP A 76 14.55 -5.17 25.57
N LEU A 77 14.73 -5.48 26.85
CA LEU A 77 13.61 -5.88 27.69
C LEU A 77 12.57 -4.77 27.85
N LYS A 78 13.05 -3.53 28.01
CA LYS A 78 12.16 -2.37 28.11
C LYS A 78 11.33 -2.19 26.83
N ARG A 79 11.98 -2.34 25.68
CA ARG A 79 11.30 -2.25 24.39
C ARG A 79 10.19 -3.29 24.25
N GLN A 80 10.48 -4.54 24.64
CA GLN A 80 9.50 -5.62 24.61
C GLN A 80 8.30 -5.36 25.53
N PHE A 81 8.57 -4.91 26.75
CA PHE A 81 7.50 -4.58 27.67
C PHE A 81 6.62 -3.43 27.16
N LYS A 82 7.26 -2.40 26.60
CA LYS A 82 6.51 -1.27 26.04
C LYS A 82 5.57 -1.74 24.93
N ALA A 83 6.03 -2.65 24.08
CA ALA A 83 5.19 -3.22 23.02
C ALA A 83 3.96 -3.93 23.60
N LEU A 84 4.14 -4.62 24.72
CA LEU A 84 3.05 -5.33 25.39
C LEU A 84 2.00 -4.43 26.05
N THR A 85 2.34 -3.17 26.32
CA THR A 85 1.38 -2.21 26.89
C THR A 85 0.41 -1.70 25.83
N LYS A 86 0.79 -1.84 24.56
CA LYS A 86 0.01 -1.26 23.47
C LYS A 86 -1.16 -2.15 23.07
N LEU A 87 -2.32 -1.89 23.69
CA LEU A 87 -3.52 -2.69 23.50
C LEU A 87 -4.27 -2.46 22.20
N GLY A 88 -4.23 -1.22 21.70
CA GLY A 88 -5.03 -0.84 20.55
C GLY A 88 -6.51 -1.07 20.83
N TYR A 89 -7.20 -1.68 19.87
CA TYR A 89 -8.65 -1.93 20.00
C TYR A 89 -9.00 -2.81 21.19
N ALA A 90 -8.08 -3.69 21.59
CA ALA A 90 -8.26 -4.60 22.71
C ALA A 90 -8.46 -3.87 24.07
N ALA A 91 -8.19 -2.57 24.10
CA ALA A 91 -8.45 -1.75 25.29
C ALA A 91 -9.94 -1.54 25.54
N LEU A 92 -10.74 -1.62 24.48
CA LEU A 92 -12.18 -1.40 24.56
C LEU A 92 -12.88 -2.37 25.51
N PRO A 93 -13.96 -1.93 26.16
CA PRO A 93 -14.77 -2.88 26.92
C PRO A 93 -15.30 -3.99 25.99
N GLU A 94 -15.49 -5.17 26.58
CA GLU A 94 -15.91 -6.39 25.89
C GLU A 94 -16.97 -6.15 24.81
N ASP A 95 -18.06 -5.49 25.20
CA ASP A 95 -19.18 -5.24 24.28
C ASP A 95 -18.81 -4.27 23.15
N ASP A 96 -17.97 -3.28 23.47
CA ASP A 96 -17.51 -2.29 22.49
C ASP A 96 -16.59 -2.92 21.45
N TYR A 97 -15.73 -3.83 21.92
CA TYR A 97 -14.84 -4.56 21.03
C TYR A 97 -15.62 -5.45 20.05
N ALA A 98 -16.64 -6.14 20.56
CA ALA A 98 -17.49 -6.99 19.70
C ALA A 98 -18.17 -6.16 18.62
N GLU A 99 -18.73 -5.02 19.02
CA GLU A 99 -19.42 -4.11 18.11
C GLU A 99 -18.48 -3.55 17.04
N LEU A 100 -17.25 -3.21 17.43
CA LEU A 100 -16.25 -2.73 16.48
C LEU A 100 -15.95 -3.80 15.43
N LEU A 101 -15.69 -5.03 15.88
CA LEU A 101 -15.40 -6.12 14.95
C LEU A 101 -16.55 -6.40 14.00
N ASP A 102 -17.79 -6.33 14.52
CA ASP A 102 -18.97 -6.51 13.69
C ASP A 102 -19.08 -5.39 12.65
N THR A 103 -18.73 -4.18 13.08
CA THR A 103 -18.72 -3.00 12.21
C THR A 103 -17.69 -3.14 11.08
N LEU A 104 -16.49 -3.61 11.43
CA LEU A 104 -15.40 -3.81 10.46
C LEU A 104 -15.73 -4.86 9.40
N SER A 105 -16.28 -5.99 9.83
CA SER A 105 -16.64 -7.04 8.86
C SER A 105 -17.83 -6.63 7.97
N ALA A 106 -18.76 -5.85 8.51
CA ALA A 106 -19.86 -5.29 7.71
C ALA A 106 -19.30 -4.45 6.55
N MET A 107 -18.30 -3.63 6.84
CA MET A 107 -17.69 -2.78 5.83
C MET A 107 -16.84 -3.56 4.82
N GLU A 108 -15.96 -4.44 5.31
CA GLU A 108 -15.12 -5.24 4.41
C GLU A 108 -15.94 -6.18 3.52
N SER A 109 -16.99 -6.78 4.08
CA SER A 109 -17.83 -7.69 3.30
C SER A 109 -18.71 -6.95 2.29
N ASN A 110 -19.18 -5.75 2.65
CA ASN A 110 -19.88 -4.89 1.70
C ASN A 110 -19.00 -4.61 0.48
N PHE A 111 -17.77 -4.19 0.75
CA PHE A 111 -16.80 -3.91 -0.30
C PHE A 111 -16.58 -5.13 -1.20
N ALA A 112 -16.37 -6.29 -0.56
CA ALA A 112 -16.05 -7.52 -1.27
C ALA A 112 -17.25 -8.07 -2.05
N LYS A 113 -18.45 -7.71 -1.65
CA LYS A 113 -19.66 -8.24 -2.30
C LYS A 113 -20.24 -7.32 -3.38
N VAL A 114 -19.60 -6.18 -3.63
CA VAL A 114 -20.08 -5.24 -4.64
C VAL A 114 -20.15 -5.87 -6.05
N LYS A 115 -21.35 -5.80 -6.63
CA LYS A 115 -21.58 -6.22 -8.01
C LYS A 115 -22.37 -5.12 -8.70
N VAL A 116 -22.03 -4.83 -9.96
CA VAL A 116 -22.75 -3.81 -10.72
C VAL A 116 -23.29 -4.39 -12.03
N CYS A 117 -24.21 -3.67 -12.65
CA CYS A 117 -24.77 -4.09 -13.93
C CYS A 117 -23.92 -3.65 -15.11
N ASP A 118 -23.85 -4.51 -16.13
CA ASP A 118 -23.13 -4.22 -17.36
C ASP A 118 -23.69 -2.94 -17.99
N TYR A 119 -22.79 -2.07 -18.43
CA TYR A 119 -23.14 -0.79 -19.06
C TYR A 119 -24.01 -0.99 -20.32
N LYS A 120 -23.73 -2.07 -21.06
CA LYS A 120 -24.43 -2.41 -22.29
C LYS A 120 -25.59 -3.40 -22.08
N ASP A 121 -25.60 -4.05 -20.92
CA ASP A 121 -26.59 -5.10 -20.62
C ASP A 121 -27.08 -4.99 -19.18
N SER A 122 -28.25 -4.37 -19.02
CA SER A 122 -28.81 -4.08 -17.70
C SER A 122 -29.33 -5.33 -16.96
N THR A 123 -29.27 -6.48 -17.60
CA THR A 123 -29.69 -7.74 -16.97
C THR A 123 -28.49 -8.55 -16.46
N LYS A 124 -27.31 -8.26 -17.00
CA LYS A 124 -26.07 -8.89 -16.55
C LYS A 124 -25.47 -8.06 -15.41
N CYS A 125 -25.78 -8.44 -14.17
CA CYS A 125 -25.41 -7.66 -12.99
C CYS A 125 -24.49 -8.42 -12.02
N ASP A 126 -23.48 -9.09 -12.58
CA ASP A 126 -22.53 -9.87 -11.78
C ASP A 126 -21.08 -9.40 -11.98
N LEU A 127 -20.91 -8.11 -12.26
CA LEU A 127 -19.59 -7.54 -12.51
C LEU A 127 -18.96 -7.08 -11.20
N ALA A 128 -17.87 -7.73 -10.81
CA ALA A 128 -17.14 -7.38 -9.59
C ALA A 128 -16.01 -6.40 -9.91
N LEU A 129 -15.57 -5.64 -8.92
CA LEU A 129 -14.43 -4.73 -9.10
C LEU A 129 -13.25 -5.48 -9.70
N ASP A 130 -12.88 -6.59 -9.06
CA ASP A 130 -11.80 -7.43 -9.50
C ASP A 130 -12.38 -8.72 -10.06
N PRO A 131 -12.28 -8.94 -11.39
CA PRO A 131 -11.57 -8.13 -12.38
C PRO A 131 -12.43 -7.26 -13.30
N GLU A 132 -13.75 -7.43 -13.29
CA GLU A 132 -14.60 -6.84 -14.34
C GLU A 132 -14.57 -5.30 -14.42
N ILE A 133 -14.83 -4.62 -13.31
CA ILE A 133 -14.92 -3.16 -13.32
C ILE A 133 -13.55 -2.51 -13.55
N GLU A 134 -12.52 -3.03 -12.88
CA GLU A 134 -11.16 -2.51 -13.05
C GLU A 134 -10.64 -2.66 -14.47
N GLU A 135 -11.10 -3.70 -15.17
CA GLU A 135 -10.71 -3.90 -16.56
C GLU A 135 -11.29 -2.80 -17.47
N VAL A 136 -12.53 -2.41 -17.22
CA VAL A 136 -13.14 -1.29 -17.95
C VAL A 136 -12.43 0.04 -17.62
N ILE A 137 -12.26 0.32 -16.33
CA ILE A 137 -11.60 1.56 -15.90
C ILE A 137 -10.21 1.72 -16.50
N SER A 138 -9.50 0.61 -16.64
CA SER A 138 -8.13 0.64 -17.15
C SER A 138 -8.01 0.66 -18.68
N LYS A 139 -9.01 0.12 -19.38
CA LYS A 139 -8.88 -0.06 -20.83
C LYS A 139 -9.82 0.81 -21.67
N SER A 140 -11.02 1.07 -21.16
CA SER A 140 -12.01 1.86 -21.90
C SER A 140 -11.60 3.32 -22.03
N ARG A 141 -11.80 3.87 -23.22
CA ARG A 141 -11.63 5.31 -23.45
C ARG A 141 -12.96 5.95 -23.86
N ASP A 142 -14.06 5.33 -23.45
CA ASP A 142 -15.39 5.90 -23.62
C ASP A 142 -15.73 6.60 -22.31
N HIS A 143 -15.62 7.92 -22.32
CA HIS A 143 -15.74 8.72 -21.09
C HIS A 143 -17.09 8.55 -20.36
N GLU A 144 -18.15 8.30 -21.13
CA GLU A 144 -19.47 8.08 -20.50
C GLU A 144 -19.58 6.68 -19.89
N GLU A 145 -18.99 5.69 -20.54
CA GLU A 145 -18.89 4.34 -19.98
C GLU A 145 -18.10 4.38 -18.66
N LEU A 146 -16.96 5.06 -18.70
CA LEU A 146 -16.12 5.23 -17.49
C LEU A 146 -16.89 5.90 -16.35
N ALA A 147 -17.64 6.95 -16.67
CA ALA A 147 -18.42 7.68 -15.67
C ALA A 147 -19.51 6.80 -15.05
N TYR A 148 -20.11 5.94 -15.88
CA TYR A 148 -21.13 5.02 -15.40
C TYR A 148 -20.57 4.07 -14.34
N TYR A 149 -19.46 3.41 -14.66
CA TYR A 149 -18.86 2.45 -13.73
C TYR A 149 -18.34 3.10 -12.46
N TRP A 150 -17.83 4.34 -12.58
CA TRP A 150 -17.41 5.12 -11.42
C TRP A 150 -18.58 5.33 -10.47
N ARG A 151 -19.68 5.86 -11.00
CA ARG A 151 -20.86 6.14 -10.19
C ARG A 151 -21.41 4.89 -9.52
N GLU A 152 -21.55 3.81 -10.29
CA GLU A 152 -22.10 2.55 -9.77
C GLU A 152 -21.25 2.00 -8.64
N PHE A 153 -19.94 1.99 -8.83
CA PHE A 153 -19.02 1.48 -7.80
C PHE A 153 -19.03 2.32 -6.52
N TYR A 154 -18.86 3.64 -6.65
CA TYR A 154 -18.79 4.51 -5.47
C TYR A 154 -20.08 4.51 -4.66
N ASP A 155 -21.23 4.50 -5.35
CA ASP A 155 -22.52 4.39 -4.69
C ASP A 155 -22.63 3.11 -3.84
N LYS A 156 -22.10 2.00 -4.36
CA LYS A 156 -22.21 0.69 -3.70
C LYS A 156 -21.11 0.39 -2.67
N ALA A 157 -19.87 0.76 -2.98
CA ALA A 157 -18.75 0.48 -2.09
C ALA A 157 -18.55 1.58 -1.06
N GLY A 158 -18.96 2.80 -1.38
CA GLY A 158 -18.83 3.92 -0.46
C GLY A 158 -20.10 4.26 0.30
N THR A 159 -21.06 4.85 -0.39
CA THR A 159 -22.25 5.41 0.25
C THR A 159 -23.00 4.42 1.14
N ALA A 160 -23.02 3.15 0.74
CA ALA A 160 -23.80 2.12 1.44
C ALA A 160 -23.35 1.85 2.89
N VAL A 161 -22.13 2.26 3.24
CA VAL A 161 -21.61 2.01 4.58
C VAL A 161 -21.32 3.26 5.41
N ARG A 162 -22.01 4.36 5.11
CA ARG A 162 -21.84 5.60 5.89
C ARG A 162 -22.09 5.38 7.39
N SER A 163 -23.24 4.81 7.74
CA SER A 163 -23.60 4.59 9.15
C SER A 163 -22.58 3.71 9.88
N GLN A 164 -22.14 2.64 9.23
CA GLN A 164 -21.11 1.75 9.79
C GLN A 164 -19.77 2.48 9.96
N PHE A 165 -19.40 3.27 8.95
CA PHE A 165 -18.16 4.04 9.02
C PHE A 165 -18.18 5.06 10.17
N GLU A 166 -19.32 5.71 10.36
CA GLU A 166 -19.51 6.64 11.46
C GLU A 166 -19.32 5.97 12.82
N ARG A 167 -19.91 4.79 12.99
CA ARG A 167 -19.76 4.04 14.24
C ARG A 167 -18.31 3.58 14.44
N TYR A 168 -17.65 3.19 13.36
CA TYR A 168 -16.25 2.80 13.36
C TYR A 168 -15.33 3.93 13.87
N VAL A 169 -15.55 5.15 13.37
CA VAL A 169 -14.80 6.33 13.80
C VAL A 169 -14.99 6.57 15.30
N GLU A 170 -16.23 6.45 15.76
CA GLU A 170 -16.55 6.59 17.18
C GLU A 170 -15.79 5.59 18.05
N LEU A 171 -15.80 4.33 17.65
CA LEU A 171 -15.14 3.28 18.42
C LEU A 171 -13.63 3.30 18.30
N ASN A 172 -13.13 3.68 17.12
CA ASN A 172 -11.69 3.92 16.93
C ASN A 172 -11.18 5.01 17.88
N THR A 173 -11.95 6.09 18.02
CA THR A 173 -11.59 7.21 18.88
C THR A 173 -11.61 6.79 20.35
N LYS A 174 -12.67 6.09 20.75
CA LYS A 174 -12.80 5.56 22.11
C LYS A 174 -11.62 4.65 22.46
N ALA A 175 -11.25 3.76 21.54
CA ALA A 175 -10.11 2.87 21.72
C ALA A 175 -8.81 3.64 21.91
N ALA A 176 -8.60 4.63 21.05
CA ALA A 176 -7.40 5.46 21.11
C ALA A 176 -7.24 6.17 22.46
N LYS A 177 -8.35 6.76 22.93
CA LYS A 177 -8.35 7.48 24.19
C LYS A 177 -8.15 6.58 25.41
N LEU A 178 -8.66 5.34 25.34
CA LEU A 178 -8.39 4.34 26.37
C LEU A 178 -6.90 3.97 26.45
N ASN A 179 -6.19 4.13 25.34
CA ASN A 179 -4.75 3.94 25.31
C ASN A 179 -3.99 5.25 25.60
N ASN A 180 -4.76 6.30 25.86
CA ASN A 180 -4.24 7.66 26.16
C ASN A 180 -3.56 8.38 25.00
N PHE A 181 -3.93 8.01 23.78
CA PHE A 181 -3.64 8.80 22.59
C PHE A 181 -4.79 9.77 22.41
N THR A 182 -4.55 10.91 21.76
CA THR A 182 -5.59 11.92 21.56
C THR A 182 -6.69 11.38 20.63
N SER A 183 -6.28 10.62 19.62
CA SER A 183 -7.20 10.06 18.63
C SER A 183 -6.52 8.90 17.89
N GLY A 184 -7.25 8.28 16.96
CA GLY A 184 -6.69 7.19 16.17
C GLY A 184 -5.54 7.61 15.28
N ALA A 185 -5.47 8.90 14.96
CA ALA A 185 -4.36 9.45 14.20
C ALA A 185 -3.05 9.28 14.97
N GLU A 186 -3.05 9.66 16.25
CA GLU A 186 -1.84 9.53 17.09
C GLU A 186 -1.52 8.06 17.36
N ALA A 187 -2.56 7.23 17.50
CA ALA A 187 -2.37 5.79 17.63
C ALA A 187 -1.61 5.21 16.42
N TRP A 188 -2.05 5.58 15.22
CA TRP A 188 -1.39 5.16 13.99
C TRP A 188 0.04 5.68 13.89
N LEU A 189 0.22 6.96 14.24
CA LEU A 189 1.50 7.62 14.12
C LEU A 189 2.55 7.07 15.09
N ASP A 190 2.08 6.51 16.20
CA ASP A 190 2.94 5.89 17.21
C ASP A 190 3.83 4.79 16.61
N GLU A 191 3.35 4.11 15.56
CA GLU A 191 4.10 3.07 14.87
C GLU A 191 5.44 3.55 14.29
N TYR A 192 5.58 4.85 14.09
CA TYR A 192 6.78 5.42 13.48
C TYR A 192 7.81 5.94 14.49
N GLU A 193 7.47 5.86 15.79
CA GLU A 193 8.39 6.20 16.89
C GLU A 193 9.16 7.49 16.66
N ASP A 194 8.44 8.56 16.31
CA ASP A 194 9.10 9.82 15.97
C ASP A 194 8.10 10.97 16.07
N ASP A 195 8.31 11.85 17.05
CA ASP A 195 7.34 12.92 17.32
C ASP A 195 7.33 14.07 16.29
N THR A 196 8.24 14.03 15.32
CA THR A 196 8.22 15.02 14.22
C THR A 196 7.87 14.36 12.88
N PHE A 197 7.31 13.16 12.92
CA PHE A 197 7.11 12.38 11.70
C PHE A 197 6.21 13.06 10.68
N GLU A 198 5.13 13.69 11.15
CA GLU A 198 4.20 14.40 10.24
C GLU A 198 4.89 15.57 9.55
N GLN A 199 5.58 16.40 10.34
CA GLN A 199 6.33 17.52 9.78
C GLN A 199 7.37 17.06 8.76
N GLN A 200 8.06 15.96 9.07
CA GLN A 200 9.06 15.39 8.16
C GLN A 200 8.46 15.04 6.81
N LEU A 201 7.29 14.41 6.84
CA LEU A 201 6.57 14.09 5.62
C LEU A 201 6.09 15.33 4.86
N GLU A 202 5.58 16.34 5.59
CA GLU A 202 5.19 17.61 4.95
C GLU A 202 6.36 18.22 4.19
N ASP A 203 7.53 18.25 4.84
CA ASP A 203 8.74 18.81 4.23
C ASP A 203 9.16 18.04 2.96
N ILE A 204 9.17 16.72 3.03
CA ILE A 204 9.49 15.91 1.85
C ILE A 204 8.42 16.06 0.76
N PHE A 205 7.14 16.04 1.16
CA PHE A 205 6.08 16.21 0.18
C PHE A 205 6.20 17.57 -0.54
N ALA A 206 6.49 18.61 0.22
CA ALA A 206 6.68 19.96 -0.35
C ALA A 206 7.80 20.04 -1.39
N ASP A 207 8.87 19.26 -1.21
CA ASP A 207 9.99 19.21 -2.17
C ASP A 207 9.62 18.53 -3.49
N ILE A 208 8.77 17.50 -3.42
CA ILE A 208 8.39 16.71 -4.61
C ILE A 208 7.13 17.26 -5.30
N ARG A 209 6.35 18.06 -4.57
CA ARG A 209 5.09 18.60 -5.09
C ARG A 209 5.20 19.37 -6.42
N PRO A 210 6.23 20.22 -6.59
CA PRO A 210 6.37 20.91 -7.89
C PRO A 210 6.51 19.95 -9.08
N LEU A 211 7.24 18.86 -8.90
CA LEU A 211 7.33 17.83 -9.94
C LEU A 211 5.95 17.22 -10.25
N TYR A 212 5.17 16.94 -9.21
CA TYR A 212 3.82 16.40 -9.42
C TYR A 212 2.97 17.35 -10.26
N GLN A 213 3.07 18.65 -9.96
CA GLN A 213 2.28 19.65 -10.64
C GLN A 213 2.61 19.74 -12.14
N GLN A 214 3.88 19.52 -12.47
CA GLN A 214 4.30 19.47 -13.88
C GLN A 214 3.71 18.25 -14.61
N ILE A 215 3.73 17.10 -13.92
CA ILE A 215 3.19 15.86 -14.47
C ILE A 215 1.69 15.99 -14.66
N HIS A 216 1.01 16.51 -13.62
CA HIS A 216 -0.44 16.75 -13.65
C HIS A 216 -0.81 17.63 -14.85
N GLY A 217 -0.10 18.74 -15.00
CA GLY A 217 -0.34 19.70 -16.08
C GLY A 217 -0.15 19.10 -17.46
N TYR A 218 0.92 18.33 -17.63
CA TYR A 218 1.21 17.68 -18.90
C TYR A 218 0.16 16.61 -19.22
N VAL A 219 -0.24 15.84 -18.21
CA VAL A 219 -1.27 14.81 -18.40
C VAL A 219 -2.59 15.44 -18.84
N ARG A 220 -3.01 16.50 -18.14
CA ARG A 220 -4.22 17.26 -18.49
C ARG A 220 -4.17 17.77 -19.93
N PHE A 221 -3.03 18.35 -20.31
CA PHE A 221 -2.79 18.79 -21.69
C PHE A 221 -3.03 17.66 -22.70
N ARG A 222 -2.46 16.48 -22.43
CA ARG A 222 -2.58 15.35 -23.35
C ARG A 222 -3.98 14.75 -23.38
N LEU A 223 -4.65 14.74 -22.22
CA LEU A 223 -6.04 14.27 -22.14
C LEU A 223 -7.00 15.19 -22.92
N ARG A 224 -6.71 16.48 -22.91
CA ARG A 224 -7.47 17.46 -23.70
C ARG A 224 -7.44 17.12 -25.19
N LYS A 225 -6.26 16.76 -25.68
CA LYS A 225 -6.10 16.39 -27.09
C LYS A 225 -6.85 15.11 -27.45
N HIS A 226 -6.93 14.18 -26.49
CA HIS A 226 -7.61 12.91 -26.71
C HIS A 226 -9.13 13.01 -26.60
N TYR A 227 -9.61 13.61 -25.52
CA TYR A 227 -11.05 13.64 -25.24
C TYR A 227 -11.73 14.91 -25.74
N GLY A 228 -10.95 15.96 -25.98
CA GLY A 228 -11.49 17.28 -26.34
C GLY A 228 -11.79 18.13 -25.12
N ASP A 229 -11.97 19.43 -25.34
CA ASP A 229 -12.16 20.39 -24.24
C ASP A 229 -13.55 20.37 -23.58
N ALA A 230 -14.52 19.68 -24.18
CA ALA A 230 -15.82 19.50 -23.56
C ALA A 230 -15.75 18.52 -22.38
N VAL A 231 -14.75 17.63 -22.41
CA VAL A 231 -14.55 16.61 -21.38
C VAL A 231 -13.49 17.04 -20.34
N VAL A 232 -12.42 17.68 -20.83
CA VAL A 232 -11.30 18.12 -19.98
C VAL A 232 -11.00 19.60 -20.17
N SER A 233 -11.10 20.37 -19.09
CA SER A 233 -10.76 21.79 -19.15
C SER A 233 -9.26 22.00 -18.92
N GLU A 234 -8.77 23.15 -19.38
CA GLU A 234 -7.36 23.51 -19.23
C GLU A 234 -7.04 23.89 -17.79
N THR A 235 -7.99 24.52 -17.12
CA THR A 235 -7.72 25.20 -15.86
C THR A 235 -8.36 24.52 -14.65
N GLY A 236 -9.23 23.53 -14.89
CA GLY A 236 -9.92 22.84 -13.80
C GLY A 236 -9.22 21.53 -13.40
N PRO A 237 -9.65 20.93 -12.27
CA PRO A 237 -9.14 19.61 -11.87
C PRO A 237 -9.42 18.57 -12.94
N ILE A 238 -8.58 17.54 -13.03
CA ILE A 238 -8.79 16.47 -14.02
C ILE A 238 -9.96 15.59 -13.57
N PRO A 239 -10.93 15.33 -14.48
CA PRO A 239 -11.96 14.35 -14.16
C PRO A 239 -11.29 12.99 -13.92
N MET A 240 -11.45 12.46 -12.71
CA MET A 240 -10.64 11.33 -12.25
C MET A 240 -10.88 10.01 -12.99
N HIS A 241 -12.04 9.90 -13.64
CA HIS A 241 -12.42 8.66 -14.31
C HIS A 241 -11.63 8.40 -15.60
N LEU A 242 -10.90 9.41 -16.05
CA LEU A 242 -10.09 9.32 -17.26
C LEU A 242 -8.65 8.90 -16.98
N LEU A 243 -8.33 8.66 -15.71
CA LEU A 243 -6.95 8.43 -15.30
C LEU A 243 -6.56 6.95 -15.18
N GLY A 244 -7.48 6.07 -15.61
CA GLY A 244 -7.18 4.64 -15.74
C GLY A 244 -7.17 3.83 -14.45
N ASN A 245 -7.69 4.43 -13.38
CA ASN A 245 -7.71 3.81 -12.07
C ASN A 245 -8.91 4.33 -11.31
N MET A 246 -9.59 3.43 -10.61
CA MET A 246 -10.86 3.74 -9.92
C MET A 246 -10.71 4.88 -8.90
N TRP A 247 -9.52 5.01 -8.33
CA TRP A 247 -9.24 6.01 -7.29
C TRP A 247 -8.25 7.07 -7.79
N ALA A 248 -7.86 6.96 -9.05
CA ALA A 248 -6.87 7.83 -9.69
C ALA A 248 -5.54 7.89 -8.92
N GLN A 249 -5.18 6.78 -8.27
CA GLN A 249 -3.99 6.75 -7.40
C GLN A 249 -2.70 6.56 -8.19
N GLN A 250 -2.83 5.91 -9.34
CA GLN A 250 -1.72 5.66 -10.26
C GLN A 250 -2.27 5.73 -11.68
N TRP A 251 -1.54 6.38 -12.58
CA TRP A 251 -2.10 6.68 -13.91
C TRP A 251 -1.48 5.90 -15.06
N SER A 252 -0.73 4.84 -14.76
CA SER A 252 0.04 4.15 -15.80
C SER A 252 -0.81 3.48 -16.88
N GLU A 253 -2.08 3.19 -16.58
CA GLU A 253 -2.96 2.58 -17.58
C GLU A 253 -3.26 3.49 -18.79
N ILE A 254 -3.09 4.80 -18.62
CA ILE A 254 -3.28 5.73 -19.75
C ILE A 254 -1.96 6.20 -20.37
N ALA A 255 -0.87 5.49 -20.08
CA ALA A 255 0.45 5.81 -20.63
C ALA A 255 0.46 5.87 -22.15
N ASP A 256 -0.32 5.02 -22.81
CA ASP A 256 -0.34 4.97 -24.27
C ASP A 256 -0.93 6.23 -24.90
N ILE A 257 -1.74 6.98 -24.15
CA ILE A 257 -2.32 8.21 -24.66
C ILE A 257 -1.67 9.51 -24.12
N VAL A 258 -0.78 9.38 -23.13
CA VAL A 258 -0.11 10.56 -22.56
C VAL A 258 1.42 10.52 -22.59
N SER A 259 2.00 9.51 -23.25
CA SER A 259 3.46 9.36 -23.23
C SER A 259 4.16 10.42 -24.08
N PRO A 260 5.30 10.94 -23.57
CA PRO A 260 6.09 12.00 -24.21
C PRO A 260 6.38 11.75 -25.68
N PHE A 261 6.78 10.52 -26.02
CA PHE A 261 7.16 10.18 -27.38
C PHE A 261 6.40 8.95 -27.91
N PRO A 262 5.19 9.17 -28.45
CA PRO A 262 4.29 8.09 -28.90
C PRO A 262 4.85 7.21 -30.01
N GLU A 263 5.86 7.69 -30.72
CA GLU A 263 6.47 6.93 -31.82
C GLU A 263 7.65 6.08 -31.35
N LYS A 264 8.11 6.35 -30.13
CA LYS A 264 9.16 5.54 -29.51
C LYS A 264 8.55 4.51 -28.55
N PRO A 265 9.32 3.44 -28.21
CA PRO A 265 8.77 2.33 -27.42
C PRO A 265 8.24 2.71 -26.03
N LEU A 266 7.09 2.13 -25.70
CA LEU A 266 6.52 2.23 -24.36
C LEU A 266 6.35 0.81 -23.83
N VAL A 267 6.98 0.53 -22.69
CA VAL A 267 7.01 -0.82 -22.14
C VAL A 267 5.65 -1.25 -21.59
N ASP A 268 5.13 -2.35 -22.13
CA ASP A 268 3.88 -2.95 -21.71
C ASP A 268 3.90 -4.45 -22.08
N VAL A 269 4.39 -5.28 -21.16
CA VAL A 269 4.70 -6.69 -21.47
C VAL A 269 3.56 -7.69 -21.29
N SER A 270 2.37 -7.18 -20.99
CA SER A 270 1.19 -8.04 -20.79
C SER A 270 0.93 -8.99 -21.96
N ALA A 271 0.93 -8.45 -23.18
CA ALA A 271 0.69 -9.25 -24.38
C ALA A 271 1.72 -10.35 -24.57
N GLU A 272 3.00 -10.04 -24.33
CA GLU A 272 4.08 -11.02 -24.41
C GLU A 272 3.97 -12.11 -23.34
N MET A 273 3.55 -11.73 -22.14
CA MET A 273 3.29 -12.68 -21.06
C MET A 273 2.22 -13.68 -21.50
N GLU A 274 1.10 -13.17 -22.02
CA GLU A 274 0.03 -14.03 -22.52
C GLU A 274 0.51 -14.92 -23.67
N LYS A 275 1.23 -14.34 -24.63
CA LYS A 275 1.76 -15.08 -25.78
C LYS A 275 2.66 -16.24 -25.38
N GLN A 276 3.51 -16.01 -24.37
CA GLN A 276 4.46 -17.01 -23.90
C GLN A 276 3.85 -18.01 -22.90
N GLY A 277 2.54 -17.89 -22.65
CA GLY A 277 1.82 -18.83 -21.80
C GLY A 277 2.06 -18.72 -20.30
N TYR A 278 2.38 -17.49 -19.85
CA TYR A 278 2.56 -17.22 -18.41
C TYR A 278 1.30 -17.56 -17.63
N THR A 279 1.51 -18.09 -16.42
CA THR A 279 0.44 -18.40 -15.49
C THR A 279 0.75 -17.72 -14.15
N PRO A 280 -0.25 -17.58 -13.27
CA PRO A 280 0.00 -17.11 -11.91
C PRO A 280 1.11 -17.89 -11.21
N LEU A 281 1.09 -19.22 -11.34
CA LEU A 281 2.15 -20.07 -10.78
C LEU A 281 3.53 -19.64 -11.26
N LYS A 282 3.68 -19.46 -12.58
CA LYS A 282 4.94 -19.02 -13.18
C LYS A 282 5.39 -17.67 -12.64
N MET A 283 4.45 -16.73 -12.53
CA MET A 283 4.72 -15.40 -12.00
C MET A 283 5.26 -15.47 -10.55
N PHE A 284 4.65 -16.30 -9.72
CA PHE A 284 5.12 -16.48 -8.35
C PHE A 284 6.47 -17.18 -8.29
N GLN A 285 6.69 -18.16 -9.17
CA GLN A 285 7.98 -18.85 -9.27
C GLN A 285 9.07 -17.88 -9.69
N MET A 286 8.75 -16.97 -10.60
CA MET A 286 9.70 -15.95 -11.03
C MET A 286 10.06 -14.97 -9.92
N GLY A 287 9.05 -14.56 -9.15
CA GLY A 287 9.28 -13.76 -7.96
C GLY A 287 10.21 -14.46 -6.98
N ASP A 288 9.93 -15.75 -6.72
CA ASP A 288 10.77 -16.58 -5.85
C ASP A 288 12.22 -16.61 -6.36
N ASP A 289 12.37 -16.83 -7.67
CA ASP A 289 13.67 -16.82 -8.33
C ASP A 289 14.43 -15.52 -8.09
N PHE A 290 13.73 -14.39 -8.16
CA PHE A 290 14.36 -13.08 -7.94
C PHE A 290 14.97 -13.00 -6.54
N PHE A 291 14.20 -13.37 -5.53
CA PHE A 291 14.69 -13.36 -4.15
C PHE A 291 15.86 -14.32 -3.93
N THR A 292 15.73 -15.56 -4.42
CA THR A 292 16.81 -16.53 -4.26
C THR A 292 18.08 -16.12 -5.01
N SER A 293 17.91 -15.47 -6.18
CA SER A 293 19.04 -14.97 -6.97
C SER A 293 19.88 -13.95 -6.20
N MET A 294 19.25 -13.28 -5.24
CA MET A 294 19.92 -12.29 -4.42
C MET A 294 20.49 -12.91 -3.15
N ASN A 295 20.49 -14.23 -3.07
CA ASN A 295 20.94 -14.96 -1.88
C ASN A 295 19.98 -14.75 -0.69
N LEU A 296 18.70 -14.56 -0.99
CA LEU A 296 17.67 -14.44 0.02
C LEU A 296 16.86 -15.74 0.10
N THR A 297 15.87 -15.77 1.00
CA THR A 297 15.23 -17.02 1.37
C THR A 297 14.18 -17.50 0.37
N LYS A 298 14.34 -18.76 -0.02
CA LYS A 298 13.42 -19.50 -0.87
C LYS A 298 12.07 -19.64 -0.18
N LEU A 299 10.98 -19.59 -0.96
CA LEU A 299 9.66 -19.84 -0.42
C LEU A 299 9.55 -21.28 0.10
N PRO A 300 8.99 -21.46 1.30
CA PRO A 300 8.84 -22.79 1.87
C PRO A 300 7.63 -23.54 1.31
N GLN A 301 7.62 -24.86 1.47
CA GLN A 301 6.57 -25.71 0.89
C GLN A 301 5.15 -25.31 1.31
N ASP A 302 5.01 -24.85 2.56
CA ASP A 302 3.73 -24.38 3.07
C ASP A 302 3.12 -23.26 2.22
N PHE A 303 3.97 -22.36 1.73
CA PHE A 303 3.53 -21.29 0.83
C PHE A 303 2.82 -21.86 -0.39
N TRP A 304 3.50 -22.78 -1.09
CA TRP A 304 2.94 -23.38 -2.30
C TRP A 304 1.70 -24.22 -2.02
N ASP A 305 1.71 -24.96 -0.91
CA ASP A 305 0.57 -25.82 -0.51
C ASP A 305 -0.68 -25.06 -0.11
N LYS A 306 -0.52 -23.93 0.57
CA LYS A 306 -1.65 -23.26 1.23
C LYS A 306 -2.10 -21.93 0.59
N SER A 307 -1.27 -21.35 -0.28
CA SER A 307 -1.62 -20.08 -0.90
C SER A 307 -2.77 -20.22 -1.89
N ILE A 308 -3.48 -19.12 -2.07
CA ILE A 308 -4.48 -19.02 -3.13
C ILE A 308 -3.94 -17.99 -4.12
N ILE A 309 -3.53 -18.45 -5.29
CA ILE A 309 -2.93 -17.56 -6.29
C ILE A 309 -3.81 -17.32 -7.52
N GLU A 310 -5.05 -17.80 -7.47
CA GLU A 310 -6.02 -17.53 -8.54
C GLU A 310 -7.38 -17.29 -7.92
N LYS A 311 -8.19 -16.44 -8.56
CA LYS A 311 -9.56 -16.24 -8.12
C LYS A 311 -10.31 -17.57 -8.24
N PRO A 312 -10.91 -18.05 -7.14
CA PRO A 312 -11.71 -19.27 -7.15
C PRO A 312 -12.82 -19.20 -8.19
N THR A 313 -13.20 -20.36 -8.75
CA THR A 313 -14.21 -20.41 -9.82
C THR A 313 -15.60 -20.87 -9.35
N ASP A 314 -15.71 -21.28 -8.09
CA ASP A 314 -17.02 -21.64 -7.52
C ASP A 314 -17.87 -20.36 -7.33
N GLY A 315 -18.98 -20.46 -6.61
CA GLY A 315 -19.85 -19.30 -6.44
C GLY A 315 -19.40 -18.28 -5.41
N ARG A 316 -18.39 -18.64 -4.61
CA ARG A 316 -18.12 -17.98 -3.34
C ARG A 316 -17.73 -16.49 -3.38
N ASP A 317 -18.04 -15.81 -2.28
CA ASP A 317 -17.57 -14.45 -2.06
C ASP A 317 -16.25 -14.51 -1.28
N LEU A 318 -15.33 -13.60 -1.64
CA LEU A 318 -14.05 -13.49 -0.96
C LEU A 318 -13.49 -12.09 -1.14
N VAL A 319 -12.43 -11.79 -0.41
CA VAL A 319 -11.69 -10.55 -0.59
C VAL A 319 -10.62 -10.80 -1.65
N CYS A 320 -10.72 -10.10 -2.78
CA CYS A 320 -9.73 -10.24 -3.85
C CYS A 320 -8.59 -9.23 -3.79
N HIS A 321 -8.71 -8.21 -2.94
CA HIS A 321 -7.58 -7.31 -2.75
C HIS A 321 -6.44 -8.14 -2.16
N ALA A 322 -5.33 -8.21 -2.89
CA ALA A 322 -4.23 -9.13 -2.58
C ALA A 322 -3.72 -8.98 -1.15
N SER A 323 -3.21 -10.06 -0.57
CA SER A 323 -2.74 -10.04 0.81
C SER A 323 -1.66 -11.08 1.09
N ALA A 324 -0.76 -10.73 2.00
CA ALA A 324 0.32 -11.61 2.44
C ALA A 324 0.16 -11.85 3.94
N TRP A 325 0.28 -13.12 4.34
CA TRP A 325 -0.10 -13.56 5.69
C TRP A 325 1.04 -14.25 6.42
N ASP A 326 1.27 -13.82 7.66
CA ASP A 326 2.24 -14.48 8.55
C ASP A 326 1.46 -15.23 9.62
N PHE A 327 1.68 -16.53 9.75
CA PHE A 327 0.94 -17.35 10.72
C PHE A 327 1.70 -17.61 12.02
N TYR A 328 2.88 -17.01 12.14
CA TYR A 328 3.64 -16.92 13.39
C TYR A 328 4.12 -18.26 13.98
N LEU A 329 4.27 -19.26 13.13
CA LEU A 329 4.93 -20.50 13.50
C LEU A 329 6.31 -20.49 12.85
N THR A 330 6.67 -21.57 12.15
CA THR A 330 7.86 -21.60 11.33
C THR A 330 7.45 -21.91 9.89
N ASP A 331 7.79 -21.01 8.95
CA ASP A 331 7.59 -21.23 7.52
C ASP A 331 6.14 -21.35 7.04
N ASP A 332 5.19 -21.06 7.93
CA ASP A 332 3.80 -20.99 7.48
C ASP A 332 3.47 -19.55 7.12
N VAL A 333 3.67 -19.23 5.85
CA VAL A 333 3.42 -17.92 5.28
C VAL A 333 2.66 -18.12 3.97
N ARG A 334 1.72 -17.23 3.67
CA ARG A 334 0.82 -17.42 2.52
C ARG A 334 0.48 -16.11 1.84
N ILE A 335 0.14 -16.21 0.56
CA ILE A 335 -0.46 -15.11 -0.17
C ILE A 335 -1.85 -15.53 -0.66
N LYS A 336 -2.78 -14.59 -0.63
CA LYS A 336 -4.04 -14.72 -1.34
C LYS A 336 -4.11 -13.60 -2.38
N GLN A 337 -3.98 -13.96 -3.66
CA GLN A 337 -4.04 -12.99 -4.75
C GLN A 337 -4.90 -13.51 -5.89
N CYS A 338 -5.83 -12.70 -6.37
CA CYS A 338 -6.64 -13.05 -7.53
C CYS A 338 -5.88 -12.69 -8.81
N THR A 339 -4.83 -13.47 -9.07
CA THR A 339 -3.77 -13.09 -10.02
C THR A 339 -4.23 -13.09 -11.47
N ARG A 340 -3.89 -12.00 -12.17
CA ARG A 340 -4.10 -11.91 -13.61
C ARG A 340 -2.75 -11.82 -14.29
N VAL A 341 -2.68 -12.25 -15.54
CA VAL A 341 -1.43 -12.24 -16.30
C VAL A 341 -1.21 -10.88 -16.97
N THR A 342 -0.71 -9.91 -16.20
CA THR A 342 -0.39 -8.58 -16.73
C THR A 342 0.93 -8.07 -16.13
N GLN A 343 1.50 -7.04 -16.76
CA GLN A 343 2.72 -6.40 -16.27
C GLN A 343 2.52 -5.87 -14.86
N ASP A 344 1.42 -5.14 -14.68
CA ASP A 344 1.05 -4.56 -13.39
C ASP A 344 0.94 -5.63 -12.30
N GLN A 345 0.34 -6.76 -12.64
CA GLN A 345 0.20 -7.88 -11.70
C GLN A 345 1.54 -8.55 -11.37
N LEU A 346 2.45 -8.57 -12.35
CA LEU A 346 3.81 -9.05 -12.12
C LEU A 346 4.48 -8.23 -11.01
N PHE A 347 4.22 -6.91 -11.01
CA PHE A 347 4.73 -6.03 -9.95
C PHE A 347 4.08 -6.32 -8.60
N THR A 348 2.76 -6.48 -8.61
CA THR A 348 2.02 -6.83 -7.40
C THR A 348 2.53 -8.14 -6.77
N VAL A 349 2.86 -9.12 -7.60
CA VAL A 349 3.40 -10.39 -7.11
C VAL A 349 4.70 -10.16 -6.33
N HIS A 350 5.63 -9.42 -6.93
CA HIS A 350 6.90 -9.11 -6.28
C HIS A 350 6.69 -8.26 -5.04
N HIS A 351 5.71 -7.36 -5.10
CA HIS A 351 5.38 -6.49 -3.97
C HIS A 351 4.95 -7.34 -2.77
N GLU A 352 4.02 -8.27 -3.01
CA GLU A 352 3.50 -9.13 -1.97
C GLU A 352 4.53 -10.15 -1.47
N LEU A 353 5.41 -10.60 -2.36
CA LEU A 353 6.48 -11.54 -1.98
C LEU A 353 7.55 -10.85 -1.13
N GLY A 354 7.61 -9.52 -1.21
CA GLY A 354 8.46 -8.73 -0.31
C GLY A 354 8.03 -8.86 1.14
N HIS A 355 6.72 -8.92 1.36
CA HIS A 355 6.19 -9.15 2.71
C HIS A 355 6.56 -10.53 3.22
N ILE A 356 6.38 -11.54 2.38
CA ILE A 356 6.72 -12.92 2.72
C ILE A 356 8.19 -13.06 3.10
N GLN A 357 9.07 -12.45 2.30
CA GLN A 357 10.48 -12.45 2.60
C GLN A 357 10.75 -11.82 3.98
N TYR A 358 10.05 -10.72 4.27
CA TYR A 358 10.20 -10.03 5.55
C TYR A 358 9.80 -10.97 6.69
N PHE A 359 8.65 -11.63 6.55
CA PHE A 359 8.17 -12.64 7.51
C PHE A 359 9.21 -13.70 7.81
N LEU A 360 9.81 -14.26 6.76
CA LEU A 360 10.78 -15.34 6.92
C LEU A 360 12.07 -14.83 7.58
N GLN A 361 12.48 -13.62 7.22
CA GLN A 361 13.72 -13.05 7.74
C GLN A 361 13.69 -12.79 9.24
N TYR A 362 12.51 -12.44 9.77
CA TYR A 362 12.40 -12.13 11.19
C TYR A 362 11.65 -13.16 12.04
N GLN A 363 11.35 -14.32 11.48
CA GLN A 363 10.55 -15.32 12.19
C GLN A 363 11.26 -15.95 13.41
N HIS A 364 12.56 -15.73 13.52
CA HIS A 364 13.34 -16.19 14.69
C HIS A 364 13.28 -15.17 15.83
N GLN A 365 12.76 -13.97 15.55
CA GLN A 365 12.66 -12.90 16.56
C GLN A 365 11.55 -13.19 17.58
N PRO A 366 11.68 -12.64 18.80
CA PRO A 366 10.55 -12.66 19.74
C PRO A 366 9.28 -12.17 19.06
N PHE A 367 8.14 -12.74 19.43
CA PHE A 367 6.85 -12.40 18.80
C PHE A 367 6.64 -10.90 18.57
N VAL A 368 6.90 -10.09 19.61
CA VAL A 368 6.65 -8.64 19.53
C VAL A 368 7.53 -7.92 18.51
N TYR A 369 8.64 -8.56 18.12
CA TYR A 369 9.55 -8.01 17.13
C TYR A 369 9.28 -8.55 15.71
N ARG A 370 8.33 -9.47 15.59
CA ARG A 370 8.00 -10.08 14.30
C ARG A 370 7.03 -9.20 13.51
N THR A 371 7.54 -8.02 13.16
CA THR A 371 6.82 -7.06 12.33
C THR A 371 7.85 -6.13 11.70
N GLY A 372 7.42 -5.20 10.86
CA GLY A 372 8.34 -4.29 10.17
C GLY A 372 8.98 -3.28 11.10
N ALA A 373 10.13 -2.76 10.72
CA ALA A 373 10.82 -1.72 11.51
C ALA A 373 9.89 -0.52 11.72
N ASN A 374 9.20 -0.13 10.65
CA ASN A 374 7.95 0.63 10.75
C ASN A 374 7.00 0.19 9.60
N PRO A 375 5.72 0.59 9.64
CA PRO A 375 4.82 0.07 8.60
C PRO A 375 5.30 0.33 7.16
N GLY A 376 6.01 1.44 6.94
CA GLY A 376 6.55 1.76 5.61
C GLY A 376 7.62 0.80 5.12
N PHE A 377 8.44 0.29 6.04
CA PHE A 377 9.49 -0.67 5.68
C PHE A 377 8.89 -1.92 5.04
N HIS A 378 7.82 -2.43 5.64
CA HIS A 378 7.18 -3.65 5.13
C HIS A 378 6.71 -3.47 3.69
N GLU A 379 6.14 -2.31 3.38
CA GLU A 379 5.60 -2.06 2.05
C GLU A 379 6.68 -1.77 1.01
N ALA A 380 7.85 -1.33 1.46
CA ALA A 380 8.94 -0.95 0.57
C ALA A 380 9.71 -2.12 -0.06
N VAL A 381 9.80 -3.23 0.67
CA VAL A 381 10.69 -4.34 0.29
C VAL A 381 10.42 -4.84 -1.12
N GLY A 382 9.17 -5.26 -1.37
CA GLY A 382 8.80 -5.80 -2.67
C GLY A 382 8.90 -4.78 -3.78
N ASP A 383 8.68 -3.51 -3.43
CA ASP A 383 8.73 -2.43 -4.41
C ASP A 383 10.13 -2.14 -4.94
N VAL A 384 11.13 -2.34 -4.09
CA VAL A 384 12.53 -2.24 -4.52
C VAL A 384 12.80 -3.24 -5.66
N LEU A 385 12.35 -4.48 -5.49
CA LEU A 385 12.49 -5.48 -6.55
C LEU A 385 11.65 -5.11 -7.78
N SER A 386 10.41 -4.69 -7.56
CA SER A 386 9.54 -4.29 -8.67
C SER A 386 10.12 -3.13 -9.49
N LEU A 387 10.87 -2.25 -8.84
CA LEU A 387 11.58 -1.18 -9.55
C LEU A 387 12.57 -1.75 -10.57
N SER A 388 13.31 -2.78 -10.14
CA SER A 388 14.24 -3.52 -11.02
C SER A 388 13.51 -4.34 -12.07
N VAL A 389 12.45 -5.03 -11.66
CA VAL A 389 11.65 -5.86 -12.57
C VAL A 389 11.11 -5.02 -13.72
N SER A 390 10.78 -3.76 -13.43
CA SER A 390 10.17 -2.85 -14.40
C SER A 390 11.13 -2.28 -15.45
N THR A 391 12.44 -2.35 -15.18
CA THR A 391 13.44 -1.80 -16.09
C THR A 391 13.48 -2.54 -17.43
N PRO A 392 13.74 -1.81 -18.53
CA PRO A 392 13.99 -2.44 -19.81
C PRO A 392 15.11 -3.48 -19.71
N LYS A 393 16.16 -3.18 -18.94
CA LYS A 393 17.24 -4.13 -18.70
C LYS A 393 16.73 -5.50 -18.27
N HIS A 394 15.95 -5.54 -17.19
CA HIS A 394 15.46 -6.81 -16.68
C HIS A 394 14.44 -7.48 -17.60
N LEU A 395 13.52 -6.70 -18.16
CA LEU A 395 12.45 -7.27 -18.99
C LEU A 395 12.98 -7.88 -20.29
N GLU A 396 14.10 -7.36 -20.79
CA GLU A 396 14.79 -7.93 -21.94
C GLU A 396 15.44 -9.26 -21.60
N LYS A 397 16.16 -9.29 -20.48
CA LYS A 397 16.78 -10.52 -19.94
C LYS A 397 15.81 -11.69 -19.86
N ILE A 398 14.61 -11.45 -19.36
CA ILE A 398 13.64 -12.51 -19.15
C ILE A 398 12.77 -12.75 -20.39
N GLY A 399 13.09 -12.08 -21.48
CA GLY A 399 12.46 -12.33 -22.78
C GLY A 399 11.05 -11.78 -22.94
N LEU A 400 10.69 -10.79 -22.13
CA LEU A 400 9.36 -10.19 -22.20
C LEU A 400 9.33 -8.90 -23.03
N LEU A 401 10.47 -8.22 -23.13
CA LEU A 401 10.60 -7.00 -23.92
C LEU A 401 11.51 -7.21 -25.12
N LYS A 402 10.94 -7.08 -26.32
CA LYS A 402 11.66 -7.40 -27.57
C LYS A 402 11.86 -6.17 -28.46
N ASP A 403 12.99 -6.14 -29.17
CA ASP A 403 13.32 -5.09 -30.15
C ASP A 403 13.38 -3.67 -29.55
N TYR A 404 13.85 -3.58 -28.31
CA TYR A 404 13.89 -2.31 -27.59
C TYR A 404 15.20 -1.56 -27.84
N VAL A 405 15.10 -0.32 -28.30
CA VAL A 405 16.25 0.56 -28.44
C VAL A 405 16.17 1.63 -27.35
N ARG A 406 17.18 1.68 -26.49
CA ARG A 406 17.17 2.63 -25.38
C ARG A 406 17.87 3.93 -25.75
N ASP A 407 17.20 4.75 -26.55
CA ASP A 407 17.68 6.10 -26.85
C ASP A 407 17.12 7.09 -25.81
N ASP A 408 17.50 8.36 -25.93
CA ASP A 408 17.04 9.40 -25.02
C ASP A 408 15.52 9.50 -24.90
N GLU A 409 14.82 9.25 -26.01
CA GLU A 409 13.37 9.40 -26.05
C GLU A 409 12.65 8.21 -25.38
N ALA A 410 13.13 7.01 -25.63
CA ALA A 410 12.64 5.82 -24.93
C ALA A 410 12.87 5.94 -23.42
N ARG A 411 14.00 6.55 -23.02
CA ARG A 411 14.31 6.73 -21.61
C ARG A 411 13.30 7.65 -20.92
N ILE A 412 12.98 8.77 -21.58
CA ILE A 412 11.98 9.69 -21.07
C ILE A 412 10.60 9.03 -20.97
N ASN A 413 10.22 8.26 -21.99
CA ASN A 413 8.98 7.46 -21.94
C ASN A 413 8.94 6.55 -20.69
N GLN A 414 10.05 5.84 -20.44
CA GLN A 414 10.14 4.91 -19.31
C GLN A 414 10.13 5.64 -17.97
N LEU A 415 10.86 6.75 -17.89
CA LEU A 415 10.85 7.59 -16.70
C LEU A 415 9.44 8.14 -16.41
N PHE A 416 8.75 8.58 -17.47
CA PHE A 416 7.41 9.16 -17.32
C PHE A 416 6.43 8.08 -16.87
N LEU A 417 6.53 6.91 -17.47
CA LEU A 417 5.73 5.74 -17.09
C LEU A 417 5.92 5.40 -15.62
N THR A 418 7.16 5.40 -15.15
CA THR A 418 7.43 5.14 -13.73
C THR A 418 6.79 6.22 -12.84
N ALA A 419 6.92 7.47 -13.27
CA ALA A 419 6.39 8.61 -12.51
C ALA A 419 4.86 8.58 -12.40
N LEU A 420 4.20 8.12 -13.46
CA LEU A 420 2.74 7.94 -13.44
C LEU A 420 2.30 7.00 -12.32
N ASP A 421 3.19 6.09 -11.92
CA ASP A 421 3.01 5.24 -10.74
C ASP A 421 3.51 5.95 -9.48
N LYS A 422 4.79 6.33 -9.47
CA LYS A 422 5.51 6.68 -8.23
C LYS A 422 5.35 8.10 -7.71
N ILE A 423 5.28 9.08 -8.61
CA ILE A 423 5.09 10.48 -8.19
C ILE A 423 3.61 10.81 -8.00
N VAL A 424 2.79 10.42 -8.96
CA VAL A 424 1.33 10.63 -8.92
C VAL A 424 0.70 10.12 -7.61
N PHE A 425 1.22 9.01 -7.11
CA PHE A 425 0.71 8.35 -5.92
C PHE A 425 0.95 9.14 -4.62
N LEU A 426 2.00 9.95 -4.57
CA LEU A 426 2.35 10.62 -3.31
C LEU A 426 1.24 11.54 -2.75
N PRO A 427 0.72 12.48 -3.56
CA PRO A 427 -0.40 13.23 -2.98
C PRO A 427 -1.60 12.33 -2.66
N PHE A 428 -1.86 11.32 -3.47
CA PHE A 428 -2.96 10.39 -3.19
C PHE A 428 -2.80 9.74 -1.82
N ALA A 429 -1.68 9.07 -1.61
CA ALA A 429 -1.37 8.43 -0.33
C ALA A 429 -1.48 9.38 0.85
N PHE A 430 -1.02 10.62 0.68
CA PHE A 430 -1.06 11.59 1.79
C PHE A 430 -2.50 11.92 2.18
N THR A 431 -3.38 12.07 1.18
CA THR A 431 -4.78 12.43 1.45
C THR A 431 -5.59 11.35 2.16
N MET A 432 -5.30 10.08 1.88
CA MET A 432 -6.05 8.98 2.50
C MET A 432 -5.96 9.09 4.03
N ASP A 433 -4.77 9.37 4.54
CA ASP A 433 -4.63 9.48 5.99
C ASP A 433 -4.90 10.89 6.54
N LYS A 434 -4.60 11.93 5.76
CA LYS A 434 -5.03 13.28 6.17
C LYS A 434 -6.55 13.31 6.38
N TYR A 435 -7.28 12.66 5.49
CA TYR A 435 -8.75 12.60 5.63
C TYR A 435 -9.13 11.88 6.91
N ARG A 436 -8.66 10.65 7.07
CA ARG A 436 -9.02 9.86 8.24
C ARG A 436 -8.52 10.50 9.55
N TRP A 437 -7.31 11.06 9.52
CA TRP A 437 -6.80 11.78 10.69
C TRP A 437 -7.76 12.89 11.11
N SER A 438 -8.23 13.68 10.14
CA SER A 438 -9.09 14.81 10.46
C SER A 438 -10.42 14.37 11.07
N LEU A 439 -10.91 13.20 10.65
CA LEU A 439 -12.12 12.62 11.24
C LEU A 439 -11.84 12.09 12.64
N PHE A 440 -10.78 11.30 12.77
CA PHE A 440 -10.34 10.77 14.07
C PHE A 440 -10.15 11.86 15.12
N ARG A 441 -9.57 12.98 14.69
CA ARG A 441 -9.26 14.11 15.57
C ARG A 441 -10.47 15.01 15.87
N GLY A 442 -11.60 14.74 15.23
CA GLY A 442 -12.82 15.51 15.43
C GLY A 442 -12.77 16.90 14.80
N GLU A 443 -12.03 17.02 13.71
CA GLU A 443 -11.80 18.31 13.05
C GLU A 443 -12.85 18.64 11.96
N VAL A 444 -13.62 17.65 11.54
CA VAL A 444 -14.68 17.86 10.55
C VAL A 444 -16.03 17.47 11.15
N ASP A 445 -17.00 18.38 11.07
CA ASP A 445 -18.37 18.07 11.50
C ASP A 445 -18.95 17.00 10.57
N LYS A 446 -19.79 16.12 11.13
CA LYS A 446 -20.38 14.99 10.39
C LYS A 446 -21.12 15.41 9.14
N ALA A 447 -21.69 16.61 9.17
CA ALA A 447 -22.42 17.17 8.04
C ALA A 447 -21.51 17.53 6.85
N ASN A 448 -20.19 17.55 7.08
CA ASN A 448 -19.24 17.96 6.05
C ASN A 448 -18.26 16.85 5.63
N TRP A 449 -18.54 15.62 6.06
CA TRP A 449 -17.62 14.50 5.90
C TRP A 449 -17.26 14.11 4.47
N ASN A 450 -18.24 14.10 3.58
CA ASN A 450 -17.96 13.71 2.19
C ASN A 450 -17.20 14.75 1.41
N CYS A 451 -17.65 16.01 1.48
CA CYS A 451 -16.98 17.07 0.74
C CYS A 451 -15.60 17.39 1.33
N ALA A 452 -15.39 17.08 2.60
CA ALA A 452 -14.04 17.15 3.21
C ALA A 452 -13.08 16.16 2.53
N PHE A 453 -13.60 15.01 2.08
CA PHE A 453 -12.83 14.03 1.33
C PHE A 453 -12.43 14.58 -0.03
N TRP A 454 -13.43 15.01 -0.80
CA TRP A 454 -13.18 15.55 -2.14
C TRP A 454 -12.37 16.85 -2.14
N LYS A 455 -12.52 17.67 -1.10
CA LYS A 455 -11.70 18.87 -0.93
C LYS A 455 -10.21 18.54 -0.88
N LEU A 456 -9.84 17.53 -0.08
CA LEU A 456 -8.45 17.09 0.02
C LEU A 456 -7.91 16.54 -1.30
N ARG A 457 -8.72 15.71 -1.96
CA ARG A 457 -8.36 15.13 -3.26
C ARG A 457 -8.12 16.23 -4.31
N ASP A 458 -8.93 17.28 -4.25
CA ASP A 458 -8.75 18.47 -5.07
C ASP A 458 -7.44 19.19 -4.68
N GLU A 459 -7.35 19.63 -3.42
CA GLU A 459 -6.20 20.43 -2.97
C GLU A 459 -4.85 19.78 -3.27
N TYR A 460 -4.75 18.47 -3.02
CA TYR A 460 -3.48 17.77 -3.15
C TYR A 460 -3.23 17.14 -4.52
N SER A 461 -4.23 16.50 -5.10
CA SER A 461 -4.05 15.77 -6.36
C SER A 461 -4.58 16.47 -7.62
N GLY A 462 -5.44 17.46 -7.44
CA GLY A 462 -6.03 18.17 -8.57
C GLY A 462 -6.89 17.28 -9.45
N ILE A 463 -7.62 16.37 -8.81
CA ILE A 463 -8.56 15.50 -9.51
C ILE A 463 -9.95 15.71 -8.90
N GLU A 464 -10.99 15.26 -9.60
CA GLU A 464 -12.37 15.40 -9.11
C GLU A 464 -13.28 14.29 -9.63
N PRO A 465 -14.40 14.05 -8.93
CA PRO A 465 -15.41 13.10 -9.42
C PRO A 465 -15.90 13.46 -10.82
N PRO A 466 -16.32 12.46 -11.60
CA PRO A 466 -16.86 12.68 -12.95
C PRO A 466 -18.24 13.34 -12.91
N VAL A 467 -18.96 13.14 -11.81
CA VAL A 467 -20.29 13.70 -11.61
C VAL A 467 -20.31 14.49 -10.32
N VAL A 468 -21.33 15.34 -10.16
CA VAL A 468 -21.52 16.12 -8.95
C VAL A 468 -21.90 15.21 -7.79
N ARG A 469 -21.13 15.28 -6.69
CA ARG A 469 -21.44 14.57 -5.46
C ARG A 469 -21.89 15.57 -4.40
N SER A 470 -22.42 15.05 -3.30
CA SER A 470 -22.86 15.87 -2.19
C SER A 470 -22.72 15.09 -0.90
N GLU A 471 -23.24 15.66 0.18
CA GLU A 471 -23.23 14.97 1.47
C GLU A 471 -24.26 13.84 1.54
N LYS A 472 -25.07 13.70 0.49
CA LYS A 472 -25.93 12.52 0.34
C LYS A 472 -25.10 11.28 -0.05
N ASP A 473 -23.94 11.52 -0.63
CA ASP A 473 -23.01 10.45 -0.97
C ASP A 473 -21.95 10.32 0.12
N PHE A 474 -21.28 9.17 0.19
CA PHE A 474 -20.16 9.00 1.11
C PHE A 474 -19.11 8.13 0.46
N ASP A 475 -18.11 8.78 -0.12
CA ASP A 475 -17.27 8.15 -1.14
C ASP A 475 -15.98 7.50 -0.65
N ALA A 476 -15.50 7.93 0.51
CA ALA A 476 -14.21 7.44 1.04
C ALA A 476 -14.09 5.92 1.16
N PRO A 477 -15.13 5.21 1.67
CA PRO A 477 -14.99 3.76 1.83
C PRO A 477 -14.96 2.96 0.52
N ALA A 478 -15.20 3.62 -0.60
CA ALA A 478 -15.01 2.99 -1.91
C ALA A 478 -13.55 2.61 -2.15
N LYS A 479 -12.63 3.15 -1.34
CA LYS A 479 -11.25 2.70 -1.36
C LYS A 479 -11.11 1.57 -0.35
N TYR A 480 -10.53 0.44 -0.80
CA TYR A 480 -10.49 -0.77 0.01
C TYR A 480 -9.94 -0.53 1.42
N HIS A 481 -8.78 0.13 1.51
CA HIS A 481 -8.13 0.36 2.80
C HIS A 481 -9.02 1.11 3.79
N ILE A 482 -9.89 1.97 3.28
CA ILE A 482 -10.78 2.75 4.13
C ILE A 482 -11.92 1.90 4.70
N SER A 483 -12.51 1.05 3.86
CA SER A 483 -13.51 0.07 4.33
C SER A 483 -12.91 -0.97 5.28
N ALA A 484 -11.64 -1.34 5.03
CA ALA A 484 -10.98 -2.41 5.77
C ALA A 484 -10.13 -1.94 6.95
N ASP A 485 -10.14 -0.64 7.23
CA ASP A 485 -9.38 -0.07 8.37
C ASP A 485 -7.90 -0.48 8.30
N VAL A 486 -7.27 -0.17 7.17
CA VAL A 486 -5.83 -0.36 7.02
C VAL A 486 -5.19 1.02 6.86
N GLU A 487 -4.29 1.35 7.77
CA GLU A 487 -3.54 2.61 7.75
C GLU A 487 -2.87 2.80 6.39
N TYR A 488 -2.87 4.03 5.88
CA TYR A 488 -2.35 4.29 4.53
C TYR A 488 -1.00 5.03 4.49
N LEU A 489 -0.63 5.72 5.55
CA LEU A 489 0.63 6.45 5.58
C LEU A 489 1.84 5.55 5.25
N ARG A 490 1.73 4.28 5.61
CA ARG A 490 2.76 3.28 5.27
C ARG A 490 3.20 3.36 3.81
N TYR A 491 2.25 3.59 2.91
CA TYR A 491 2.56 3.65 1.48
C TYR A 491 3.27 4.95 1.07
N LEU A 492 2.92 6.07 1.71
CA LEU A 492 3.64 7.32 1.48
C LEU A 492 5.09 7.16 1.95
N VAL A 493 5.26 6.59 3.13
CA VAL A 493 6.59 6.31 3.68
C VAL A 493 7.35 5.36 2.73
N SER A 494 6.67 4.29 2.32
CA SER A 494 7.25 3.30 1.41
C SER A 494 7.75 3.90 0.09
N PHE A 495 6.93 4.72 -0.55
CA PHE A 495 7.30 5.30 -1.84
C PHE A 495 8.50 6.26 -1.73
N ILE A 496 8.66 6.87 -0.57
CA ILE A 496 9.87 7.68 -0.30
C ILE A 496 11.07 6.75 -0.05
N ILE A 497 10.98 5.89 0.96
CA ILE A 497 12.15 5.10 1.39
C ILE A 497 12.56 4.01 0.40
N GLN A 498 11.62 3.51 -0.40
CA GLN A 498 11.96 2.49 -1.39
C GLN A 498 13.01 2.98 -2.40
N PHE A 499 13.07 4.29 -2.63
CA PHE A 499 14.11 4.84 -3.50
C PHE A 499 15.46 4.94 -2.78
N GLN A 500 15.42 5.13 -1.46
CA GLN A 500 16.65 5.08 -0.65
C GLN A 500 17.25 3.66 -0.68
N PHE A 501 16.39 2.65 -0.49
CA PHE A 501 16.81 1.24 -0.57
C PHE A 501 17.30 0.89 -1.97
N TYR A 502 16.55 1.31 -2.98
CA TYR A 502 16.85 0.99 -4.38
C TYR A 502 18.17 1.58 -4.84
N LYS A 503 18.38 2.86 -4.55
CA LYS A 503 19.63 3.54 -4.88
C LYS A 503 20.82 2.83 -4.21
N SER A 504 20.67 2.48 -2.94
CA SER A 504 21.74 1.82 -2.20
C SER A 504 22.01 0.39 -2.67
N ALA A 505 20.94 -0.37 -2.93
CA ALA A 505 21.07 -1.72 -3.48
C ALA A 505 21.74 -1.69 -4.85
N CYS A 506 21.36 -0.72 -5.68
CA CYS A 506 21.94 -0.55 -7.01
C CYS A 506 23.43 -0.18 -6.96
N ILE A 507 23.82 0.69 -6.03
CA ILE A 507 25.24 1.01 -5.82
C ILE A 507 26.00 -0.26 -5.42
N LYS A 508 25.47 -0.99 -4.43
CA LYS A 508 26.07 -2.22 -3.94
C LYS A 508 26.17 -3.29 -5.02
N ALA A 509 25.22 -3.29 -5.94
CA ALA A 509 25.18 -4.25 -7.06
C ALA A 509 26.15 -3.87 -8.18
N GLY A 510 26.73 -2.68 -8.10
CA GLY A 510 27.56 -2.14 -9.18
C GLY A 510 26.71 -1.72 -10.37
N GLN A 511 25.41 -1.52 -10.13
CA GLN A 511 24.45 -1.21 -11.18
C GLN A 511 24.18 0.29 -11.34
N TYR A 512 24.73 1.11 -10.44
CA TYR A 512 24.50 2.55 -10.50
C TYR A 512 25.73 3.37 -10.11
N ASP A 513 26.08 4.28 -11.01
CA ASP A 513 27.14 5.25 -10.81
C ASP A 513 26.64 6.56 -11.42
N PRO A 514 26.49 7.62 -10.60
CA PRO A 514 25.98 8.91 -11.09
C PRO A 514 26.89 9.57 -12.14
N ASP A 515 28.18 9.25 -12.11
CA ASP A 515 29.15 9.83 -13.04
C ASP A 515 29.38 8.95 -14.28
N ASN A 516 28.56 7.92 -14.44
CA ASN A 516 28.68 6.99 -15.54
C ASN A 516 27.36 6.85 -16.31
N VAL A 517 27.37 7.30 -17.56
CA VAL A 517 26.19 7.31 -18.43
C VAL A 517 25.66 5.89 -18.76
N GLU A 518 26.51 4.88 -18.59
CA GLU A 518 26.13 3.51 -18.90
C GLU A 518 25.39 2.83 -17.75
N LEU A 519 25.40 3.47 -16.58
CA LEU A 519 24.78 2.91 -15.38
C LEU A 519 23.76 3.88 -14.73
N PRO A 520 22.65 4.19 -15.43
CA PRO A 520 21.67 5.09 -14.85
C PRO A 520 20.81 4.39 -13.78
N LEU A 521 20.40 5.14 -12.76
CA LEU A 521 19.56 4.58 -11.70
C LEU A 521 18.27 3.97 -12.25
N ASP A 522 17.70 4.61 -13.26
CA ASP A 522 16.44 4.16 -13.86
C ASP A 522 16.54 2.91 -14.75
N ASN A 523 17.75 2.38 -14.94
CA ASN A 523 17.90 1.10 -15.63
C ASN A 523 18.67 0.04 -14.80
N CYS A 524 18.61 0.18 -13.48
CA CYS A 524 19.30 -0.74 -12.58
C CYS A 524 18.52 -2.03 -12.32
N ASP A 525 19.18 -3.16 -12.55
CA ASP A 525 18.63 -4.46 -12.21
C ASP A 525 19.46 -5.12 -11.10
N ILE A 526 18.84 -5.36 -9.95
CA ILE A 526 19.54 -5.99 -8.83
C ILE A 526 19.36 -7.52 -8.81
N TYR A 527 18.73 -8.07 -9.85
CA TYR A 527 18.63 -9.52 -9.99
C TYR A 527 20.02 -10.15 -9.92
N GLY A 528 20.14 -11.21 -9.12
CA GLY A 528 21.41 -11.94 -9.00
C GLY A 528 22.43 -11.32 -8.06
N SER A 529 22.13 -10.15 -7.50
CA SER A 529 23.10 -9.46 -6.64
C SER A 529 23.07 -9.96 -5.20
N ALA A 530 24.11 -10.68 -4.81
CA ALA A 530 24.26 -11.15 -3.43
C ALA A 530 24.54 -9.99 -2.49
N ALA A 531 25.23 -8.97 -2.98
CA ALA A 531 25.56 -7.78 -2.19
C ALA A 531 24.32 -6.96 -1.83
N ALA A 532 23.39 -6.83 -2.78
CA ALA A 532 22.09 -6.22 -2.49
C ALA A 532 21.31 -7.06 -1.49
N GLY A 533 21.32 -8.38 -1.70
CA GLY A 533 20.66 -9.33 -0.79
C GLY A 533 21.19 -9.27 0.64
N ALA A 534 22.51 -9.10 0.77
CA ALA A 534 23.16 -8.97 2.08
C ALA A 534 22.61 -7.79 2.86
N ALA A 535 22.37 -6.67 2.18
CA ALA A 535 21.80 -5.47 2.80
C ALA A 535 20.38 -5.74 3.29
N PHE A 536 19.57 -6.38 2.46
CA PHE A 536 18.22 -6.78 2.86
C PHE A 536 18.25 -7.73 4.06
N HIS A 537 19.10 -8.74 4.02
CA HIS A 537 19.21 -9.65 5.16
C HIS A 537 19.53 -8.91 6.46
N ASN A 538 20.53 -8.03 6.42
CA ASN A 538 20.91 -7.27 7.62
C ASN A 538 19.76 -6.46 8.20
N MET A 539 18.99 -5.82 7.33
CA MET A 539 17.88 -4.97 7.77
C MET A 539 16.65 -5.78 8.15
N LEU A 540 16.20 -6.67 7.27
CA LEU A 540 14.97 -7.45 7.49
C LEU A 540 15.03 -8.40 8.67
N SER A 541 16.20 -8.98 8.93
CA SER A 541 16.33 -9.95 10.01
C SER A 541 16.08 -9.31 11.37
N MET A 542 16.23 -7.98 11.44
CA MET A 542 16.04 -7.22 12.69
C MET A 542 14.59 -7.13 13.12
N GLY A 543 13.65 -7.24 12.18
CA GLY A 543 12.23 -7.03 12.48
C GLY A 543 12.04 -5.67 13.16
N ALA A 544 11.29 -5.66 14.26
CA ALA A 544 11.05 -4.44 15.01
C ALA A 544 11.89 -4.37 16.29
N SER A 545 13.01 -5.08 16.28
CA SER A 545 13.87 -5.21 17.47
C SER A 545 14.54 -3.91 17.87
N LYS A 546 14.74 -3.03 16.90
CA LYS A 546 15.32 -1.70 17.12
C LYS A 546 14.42 -0.65 16.45
N PRO A 547 14.50 0.63 16.92
CA PRO A 547 13.80 1.71 16.21
C PRO A 547 14.24 1.77 14.75
N TRP A 548 13.34 2.18 13.86
CA TRP A 548 13.55 2.08 12.42
C TRP A 548 14.82 2.78 11.86
N PRO A 549 15.28 3.89 12.48
CA PRO A 549 16.55 4.44 11.98
C PRO A 549 17.73 3.46 12.08
N ASP A 550 17.69 2.56 13.06
CA ASP A 550 18.70 1.51 13.20
C ASP A 550 18.59 0.44 12.11
N ALA A 551 17.37 0.21 11.64
CA ALA A 551 17.13 -0.76 10.57
C ALA A 551 17.59 -0.22 9.23
N LEU A 552 17.33 1.06 8.98
CA LEU A 552 17.85 1.74 7.80
C LEU A 552 19.39 1.79 7.81
N GLU A 553 19.96 2.07 8.98
CA GLU A 553 21.42 2.12 9.12
C GLU A 553 22.07 0.79 8.78
N ALA A 554 21.44 -0.30 9.22
CA ALA A 554 21.88 -1.65 8.89
C ALA A 554 21.87 -1.94 7.40
N PHE A 555 21.02 -1.25 6.65
CA PHE A 555 20.93 -1.44 5.20
C PHE A 555 22.01 -0.65 4.46
N ASN A 556 22.15 0.63 4.77
CA ASN A 556 23.01 1.53 3.98
C ASN A 556 23.77 2.60 4.77
N GLY A 557 23.77 2.48 6.10
CA GLY A 557 24.50 3.43 6.96
C GLY A 557 23.79 4.75 7.26
N GLU A 558 22.62 4.96 6.66
CA GLU A 558 21.86 6.19 6.88
C GLU A 558 20.84 6.03 8.01
N ARG A 559 20.39 7.15 8.58
CA ARG A 559 19.47 7.12 9.70
C ARG A 559 18.24 8.01 9.48
N ILE A 560 18.22 8.72 8.36
CA ILE A 560 17.20 9.72 8.09
C ILE A 560 16.35 9.37 6.87
N MET A 561 15.03 9.48 7.02
CA MET A 561 14.11 9.37 5.88
C MET A 561 14.28 10.62 5.01
N SER A 562 14.60 10.41 3.73
CA SER A 562 14.95 11.50 2.83
C SER A 562 14.35 11.36 1.43
N GLY A 563 13.86 12.49 0.90
CA GLY A 563 13.36 12.54 -0.48
C GLY A 563 14.45 12.73 -1.53
N LYS A 564 15.70 12.78 -1.08
CA LYS A 564 16.85 12.95 -2.00
C LYS A 564 16.90 11.87 -3.09
N ALA A 565 16.75 10.61 -2.70
CA ALA A 565 16.89 9.49 -3.64
C ALA A 565 15.79 9.45 -4.71
N ILE A 566 14.54 9.73 -4.32
CA ILE A 566 13.45 9.77 -5.30
C ILE A 566 13.62 10.92 -6.28
N ALA A 567 14.07 12.07 -5.79
CA ALA A 567 14.33 13.23 -6.64
C ALA A 567 15.47 12.95 -7.63
N GLU A 568 16.48 12.22 -7.14
CA GLU A 568 17.65 11.85 -7.93
C GLU A 568 17.23 10.94 -9.09
N TYR A 569 16.39 9.95 -8.78
CA TYR A 569 15.87 9.04 -9.78
C TYR A 569 15.15 9.77 -10.92
N PHE A 570 14.32 10.76 -10.57
CA PHE A 570 13.46 11.41 -11.55
C PHE A 570 14.03 12.72 -12.13
N GLU A 571 15.21 13.13 -11.65
CA GLU A 571 15.84 14.38 -12.10
C GLU A 571 15.90 14.55 -13.63
N PRO A 572 16.29 13.50 -14.39
CA PRO A 572 16.28 13.69 -15.85
C PRO A 572 14.88 13.94 -16.41
N LEU A 573 13.86 13.36 -15.78
CA LEU A 573 12.48 13.63 -16.18
C LEU A 573 12.09 15.06 -15.83
N ARG A 574 12.43 15.51 -14.63
CA ARG A 574 12.12 16.87 -14.18
C ARG A 574 12.64 17.91 -15.18
N VAL A 575 13.91 17.78 -15.54
CA VAL A 575 14.55 18.68 -16.50
C VAL A 575 13.82 18.67 -17.85
N TRP A 576 13.58 17.49 -18.41
CA TRP A 576 12.87 17.38 -19.68
C TRP A 576 11.44 17.92 -19.61
N LEU A 577 10.72 17.57 -18.54
CA LEU A 577 9.30 17.90 -18.40
C LEU A 577 9.07 19.39 -18.18
N GLU A 578 9.90 20.01 -17.34
CA GLU A 578 9.82 21.46 -17.15
C GLU A 578 9.94 22.17 -18.50
N ALA A 579 10.94 21.77 -19.29
CA ALA A 579 11.19 22.34 -20.61
C ALA A 579 10.03 22.07 -21.59
N GLU A 580 9.50 20.86 -21.55
CA GLU A 580 8.42 20.47 -22.46
C GLU A 580 7.12 21.22 -22.19
N ASN A 581 6.84 21.48 -20.91
CA ASN A 581 5.67 22.24 -20.51
C ASN A 581 5.76 23.71 -20.94
N ILE A 582 6.95 24.28 -20.81
CA ILE A 582 7.21 25.65 -21.29
C ILE A 582 7.06 25.69 -22.82
N LYS A 583 7.67 24.72 -23.49
CA LYS A 583 7.60 24.62 -24.95
C LYS A 583 6.17 24.61 -25.46
N ASN A 584 5.29 23.90 -24.75
CA ASN A 584 3.90 23.74 -25.15
C ASN A 584 2.95 24.69 -24.42
N ASN A 585 3.51 25.69 -23.72
CA ASN A 585 2.71 26.68 -22.98
C ASN A 585 1.63 26.01 -22.11
N VAL A 586 2.04 24.95 -21.41
CA VAL A 586 1.13 24.13 -20.62
C VAL A 586 0.72 24.84 -19.33
N HIS A 587 -0.59 24.94 -19.11
CA HIS A 587 -1.11 25.51 -17.88
C HIS A 587 -0.87 24.56 -16.69
N ILE A 588 -0.36 25.13 -15.61
CA ILE A 588 -0.02 24.40 -14.39
C ILE A 588 -0.92 24.90 -13.26
N GLY A 589 -1.41 23.98 -12.44
CA GLY A 589 -2.28 24.34 -11.32
C GLY A 589 -3.75 24.19 -11.73
N TRP A 590 -4.65 24.35 -10.77
CA TRP A 590 -6.07 24.13 -11.02
C TRP A 590 -6.94 25.01 -10.13
N THR A 591 -8.12 25.34 -10.64
CA THR A 591 -9.12 26.06 -9.87
C THR A 591 -9.81 25.08 -8.91
N THR A 592 -10.48 25.62 -7.91
CA THR A 592 -11.23 24.81 -6.94
C THR A 592 -12.41 24.09 -7.61
N SER A 593 -12.52 22.79 -7.34
CA SER A 593 -13.53 21.92 -7.95
C SER A 593 -14.95 22.33 -7.60
N ASN A 594 -15.88 22.14 -8.54
CA ASN A 594 -17.31 22.36 -8.32
CA ASN A 594 -17.30 22.40 -8.22
C ASN A 594 -18.10 21.08 -8.15
N LYS A 595 -17.39 19.96 -7.95
CA LYS A 595 -18.00 18.63 -7.97
C LYS A 595 -18.48 18.05 -6.64
N CYS A 596 -18.40 18.83 -5.56
CA CYS A 596 -19.02 18.41 -4.30
C CYS A 596 -19.81 19.57 -3.71
N VAL A 597 -21.14 19.44 -3.77
CA VAL A 597 -22.07 20.44 -3.27
C VAL A 597 -22.22 20.30 -1.75
N SER A 598 -21.96 21.39 -1.03
CA SER A 598 -21.99 21.38 0.43
C SER A 598 -23.41 21.67 0.96
N ARG B 6 -1.93 -8.13 11.35
CA ARG B 6 -2.87 -8.27 10.20
C ARG B 6 -2.12 -8.46 8.87
N PRO B 7 -2.80 -9.01 7.83
CA PRO B 7 -2.17 -9.20 6.51
C PRO B 7 -1.64 -7.91 5.90
N LYS B 8 -0.60 -8.06 5.08
CA LYS B 8 0.03 -6.95 4.39
C LYS B 8 -0.49 -6.91 2.96
N ILE B 9 -0.99 -5.75 2.53
CA ILE B 9 -1.72 -5.63 1.28
C ILE B 9 -1.14 -4.56 0.32
N PRO B 10 -1.40 -4.67 -1.00
CA PRO B 10 -0.91 -3.64 -1.92
C PRO B 10 -1.65 -2.32 -1.72
N PRO B 11 -1.07 -1.21 -2.21
CA PRO B 11 -1.75 0.09 -2.14
C PRO B 11 -3.06 0.09 -2.92
#